data_4HDE
#
_entry.id   4HDE
#
_cell.length_a   34.985
_cell.length_b   48.468
_cell.length_c   88.551
_cell.angle_alpha   90.00
_cell.angle_beta   90.00
_cell.angle_gamma   90.00
#
_symmetry.space_group_name_H-M   'P 21 21 21'
#
loop_
_entity.id
_entity.type
_entity.pdbx_description
1 polymer 'SCO1/SenC family lipoprotein'
2 water water
#
_entity_poly.entity_id   1
_entity_poly.type   'polypeptide(L)'
_entity_poly.pdbx_seq_one_letter_code
;SNALRKPLNWDLETFQFTNQDGKPFGTKDLKGKVWVADF(MSE)FTNCQTVCPP(MSE)TAN(MSE)AKLQK(MSE)AKE
EKLDVQFVSFSVDPDLDKPENLKAFIQKFTEDTSNWNLLTGYSLEDITKFSKDNFQSLVDKPENGQVIHGTSFYLIDQNG
KV(MSE)KKYSGISNTPYEDIIRD(MSE)KRLAE
;
_entity_poly.pdbx_strand_id   A
#
# COMPACT_ATOMS: atom_id res chain seq x y z
N ALA A 3 -17.34 17.07 1.48
CA ALA A 3 -15.92 17.38 1.69
C ALA A 3 -15.25 16.31 2.56
N LEU A 4 -13.92 16.24 2.47
CA LEU A 4 -13.17 15.26 3.24
C LEU A 4 -12.97 15.73 4.68
N ARG A 5 -13.52 14.97 5.62
CA ARG A 5 -13.50 15.35 7.03
C ARG A 5 -12.22 14.93 7.75
N LYS A 6 -11.72 15.83 8.59
CA LYS A 6 -10.59 15.56 9.47
C LYS A 6 -9.42 14.86 8.78
N PRO A 7 -8.92 15.44 7.67
CA PRO A 7 -7.80 14.83 6.95
C PRO A 7 -6.53 14.78 7.81
N LEU A 8 -5.71 13.76 7.60
CA LEU A 8 -4.46 13.62 8.33
C LEU A 8 -3.41 14.65 7.93
N ASN A 9 -3.36 14.99 6.65
CA ASN A 9 -2.36 15.91 6.12
C ASN A 9 -0.92 15.50 6.43
N TRP A 10 -0.60 14.22 6.31
CA TRP A 10 0.78 13.78 6.56
C TRP A 10 1.67 13.98 5.34
N ASP A 11 2.83 14.59 5.55
CA ASP A 11 3.84 14.70 4.51
C ASP A 11 4.42 13.34 4.13
N LEU A 12 4.67 13.16 2.84
CA LEU A 12 5.34 11.95 2.33
CA LEU A 12 5.30 11.95 2.31
C LEU A 12 6.59 12.33 1.60
N GLU A 13 7.69 11.67 1.94
CA GLU A 13 8.94 11.89 1.23
C GLU A 13 8.85 11.37 -0.19
N THR A 14 9.69 11.91 -1.05
CA THR A 14 9.82 11.44 -2.41
C THR A 14 10.62 10.13 -2.42
N PHE A 15 10.11 9.13 -3.13
CA PHE A 15 10.77 7.82 -3.17
C PHE A 15 10.69 7.20 -4.56
N GLN A 16 11.65 6.34 -4.84
CA GLN A 16 11.70 5.58 -6.08
C GLN A 16 12.13 4.16 -5.74
N PHE A 17 11.19 3.22 -5.78
CA PHE A 17 11.49 1.84 -5.44
C PHE A 17 11.36 1.00 -6.71
N THR A 18 11.26 -0.32 -6.56
CA THR A 18 11.15 -1.22 -7.70
CA THR A 18 11.13 -1.20 -7.71
C THR A 18 9.86 -2.03 -7.58
N ASN A 19 9.11 -2.17 -8.67
CA ASN A 19 7.87 -2.93 -8.64
C ASN A 19 8.04 -4.42 -8.97
N GLN A 20 6.92 -5.11 -9.10
CA GLN A 20 6.91 -6.55 -9.25
C GLN A 20 7.37 -6.99 -10.64
N ASP A 21 7.55 -6.01 -11.53
CA ASP A 21 8.12 -6.25 -12.85
C ASP A 21 9.57 -5.80 -12.96
N GLY A 22 10.17 -5.42 -11.83
CA GLY A 22 11.55 -5.00 -11.81
C GLY A 22 11.76 -3.63 -12.43
N LYS A 23 10.71 -2.80 -12.41
CA LYS A 23 10.77 -1.47 -13.00
C LYS A 23 10.67 -0.41 -11.91
N PRO A 24 11.27 0.77 -12.11
CA PRO A 24 11.19 1.85 -11.12
C PRO A 24 9.77 2.36 -10.95
N PHE A 25 9.40 2.62 -9.70
CA PHE A 25 8.07 3.14 -9.42
C PHE A 25 8.06 3.88 -8.10
N GLY A 26 7.37 5.00 -8.05
CA GLY A 26 7.19 5.73 -6.81
C GLY A 26 6.55 7.07 -7.03
N THR A 27 7.02 8.06 -6.29
CA THR A 27 6.44 9.39 -6.32
C THR A 27 6.29 9.97 -7.73
N LYS A 28 7.30 9.74 -8.57
CA LYS A 28 7.25 10.25 -9.93
C LYS A 28 5.96 9.81 -10.63
N ASP A 29 5.57 8.57 -10.42
CA ASP A 29 4.39 8.00 -11.04
C ASP A 29 3.10 8.40 -10.33
N LEU A 30 3.18 8.56 -9.02
CA LEU A 30 2.00 8.70 -8.17
C LEU A 30 1.57 10.14 -7.92
N LYS A 31 2.47 11.09 -8.05
CA LYS A 31 2.14 12.49 -7.81
C LYS A 31 1.11 12.97 -8.82
N GLY A 32 -0.04 13.40 -8.33
CA GLY A 32 -1.15 13.76 -9.20
C GLY A 32 -2.24 12.72 -9.26
N LYS A 33 -2.01 11.56 -8.66
CA LYS A 33 -3.00 10.49 -8.61
C LYS A 33 -3.48 10.28 -7.18
N VAL A 34 -4.69 9.74 -7.06
CA VAL A 34 -5.20 9.30 -5.76
C VAL A 34 -4.74 7.86 -5.61
N TRP A 35 -4.14 7.54 -4.47
CA TRP A 35 -3.68 6.18 -4.26
C TRP A 35 -3.87 5.67 -2.84
N VAL A 36 -3.89 4.35 -2.74
CA VAL A 36 -4.07 3.67 -1.47
C VAL A 36 -2.85 2.81 -1.21
N ALA A 37 -2.28 2.93 -0.01
CA ALA A 37 -1.07 2.20 0.36
C ALA A 37 -1.32 1.20 1.49
N ASP A 38 -0.64 0.06 1.42
CA ASP A 38 -0.48 -0.79 2.59
C ASP A 38 0.94 -1.35 2.67
N PHE A 39 1.23 -2.03 3.78
CA PHE A 39 2.52 -2.67 4.06
C PHE A 39 2.28 -4.15 4.28
N MSE A 40 3.10 -5.00 3.67
CA MSE A 40 2.89 -6.44 3.71
CA MSE A 40 2.90 -6.44 3.74
C MSE A 40 4.18 -7.18 3.40
O MSE A 40 5.21 -6.56 3.11
CB MSE A 40 1.80 -6.85 2.71
CB MSE A 40 1.79 -6.86 2.78
CG MSE A 40 1.94 -6.17 1.35
CG MSE A 40 1.97 -6.30 1.37
SE MSE A 40 3.44 -6.80 0.28
SE MSE A 40 1.45 -7.56 0.00
CE MSE A 40 2.83 -8.61 -0.04
CE MSE A 40 3.05 -8.66 -0.02
N PHE A 41 4.15 -8.51 3.49
CA PHE A 41 5.28 -9.31 3.04
C PHE A 41 4.79 -10.67 2.59
N THR A 42 5.48 -11.28 1.64
CA THR A 42 4.95 -12.47 0.99
C THR A 42 5.02 -13.73 1.84
N ASN A 43 5.91 -13.76 2.83
CA ASN A 43 6.00 -14.93 3.69
C ASN A 43 5.15 -14.84 4.95
N CYS A 44 4.21 -13.91 4.97
CA CYS A 44 3.34 -13.72 6.12
C CYS A 44 2.40 -14.90 6.33
N GLN A 45 2.38 -15.42 7.55
CA GLN A 45 1.55 -16.59 7.88
C GLN A 45 0.22 -16.19 8.51
N THR A 46 -0.01 -14.89 8.61
CA THR A 46 -1.25 -14.40 9.22
C THR A 46 -2.05 -13.43 8.34
N VAL A 47 -1.82 -12.13 8.50
CA VAL A 47 -2.79 -11.17 8.01
C VAL A 47 -2.58 -10.63 6.59
N CYS A 48 -1.41 -10.86 6.00
CA CYS A 48 -1.16 -10.22 4.69
C CYS A 48 -2.03 -10.77 3.55
N PRO A 49 -2.24 -12.10 3.49
CA PRO A 49 -3.16 -12.54 2.43
C PRO A 49 -4.59 -11.98 2.57
N PRO A 50 -5.20 -12.02 3.77
CA PRO A 50 -6.52 -11.37 3.83
C PRO A 50 -6.49 -9.86 3.57
N MSE A 51 -5.45 -9.17 4.01
CA MSE A 51 -5.30 -7.75 3.68
C MSE A 51 -5.30 -7.54 2.17
O MSE A 51 -5.92 -6.60 1.66
CB MSE A 51 -3.98 -7.18 4.22
CG MSE A 51 -3.94 -6.93 5.72
SE MSE A 51 -2.20 -6.30 6.32
CE MSE A 51 -2.17 -4.62 5.35
N THR A 52 -4.56 -8.39 1.47
CA THR A 52 -4.44 -8.25 0.04
C THR A 52 -5.78 -8.58 -0.64
N ALA A 53 -6.49 -9.58 -0.14
CA ALA A 53 -7.83 -9.85 -0.66
C ALA A 53 -8.76 -8.66 -0.43
N ASN A 54 -8.61 -8.00 0.72
CA ASN A 54 -9.43 -6.82 1.00
C ASN A 54 -9.08 -5.67 0.08
N MSE A 55 -7.80 -5.47 -0.19
CA MSE A 55 -7.39 -4.47 -1.13
C MSE A 55 -7.92 -4.81 -2.53
O MSE A 55 -8.34 -3.91 -3.26
CB MSE A 55 -5.88 -4.29 -1.14
CG MSE A 55 -5.42 -3.15 -2.04
SE MSE A 55 -3.60 -2.55 -1.76
CE MSE A 55 -3.91 -1.35 -0.24
N ALA A 56 -7.93 -6.09 -2.90
CA ALA A 56 -8.50 -6.49 -4.18
C ALA A 56 -10.01 -6.19 -4.28
N LYS A 57 -10.73 -6.36 -3.18
CA LYS A 57 -12.15 -6.04 -3.16
C LYS A 57 -12.33 -4.53 -3.38
N LEU A 58 -11.50 -3.74 -2.71
CA LEU A 58 -11.51 -2.29 -2.89
C LEU A 58 -11.19 -1.91 -4.32
N GLN A 59 -10.21 -2.57 -4.93
CA GLN A 59 -9.84 -2.32 -6.31
C GLN A 59 -11.02 -2.56 -7.24
N LYS A 60 -11.72 -3.67 -7.05
CA LYS A 60 -12.85 -4.02 -7.89
C LYS A 60 -14.00 -3.02 -7.71
N MSE A 61 -14.25 -2.65 -6.46
CA MSE A 61 -15.34 -1.71 -6.17
C MSE A 61 -15.05 -0.33 -6.74
O MSE A 61 -15.95 0.34 -7.26
CB MSE A 61 -15.58 -1.64 -4.66
CG MSE A 61 -16.18 -2.92 -4.09
SE MSE A 61 -16.38 -2.90 -2.14
CE MSE A 61 -17.88 -1.65 -1.99
N ALA A 62 -13.80 0.10 -6.65
CA ALA A 62 -13.42 1.40 -7.20
C ALA A 62 -13.61 1.43 -8.71
N LYS A 63 -13.19 0.34 -9.37
CA LYS A 63 -13.34 0.26 -10.82
C LYS A 63 -14.83 0.35 -11.20
N GLU A 64 -15.68 -0.36 -10.46
CA GLU A 64 -17.12 -0.34 -10.73
C GLU A 64 -17.69 1.08 -10.62
N GLU A 65 -17.18 1.84 -9.66
CA GLU A 65 -17.61 3.23 -9.46
C GLU A 65 -16.95 4.20 -10.45
N LYS A 66 -16.11 3.69 -11.33
CA LYS A 66 -15.39 4.51 -12.31
C LYS A 66 -14.43 5.49 -11.64
N LEU A 67 -13.95 5.10 -10.46
CA LEU A 67 -12.91 5.85 -9.78
C LEU A 67 -11.58 5.42 -10.34
N ASP A 68 -10.76 6.40 -10.65
CA ASP A 68 -9.44 6.19 -11.22
C ASP A 68 -8.45 6.38 -10.09
N VAL A 69 -7.98 5.26 -9.52
CA VAL A 69 -7.08 5.31 -8.38
C VAL A 69 -5.96 4.27 -8.57
N GLN A 70 -4.91 4.41 -7.76
CA GLN A 70 -3.79 3.47 -7.77
C GLN A 70 -3.68 2.76 -6.43
N PHE A 71 -3.13 1.56 -6.48
CA PHE A 71 -2.86 0.77 -5.28
C PHE A 71 -1.38 0.47 -5.19
N VAL A 72 -0.85 0.59 -3.99
CA VAL A 72 0.57 0.36 -3.74
C VAL A 72 0.73 -0.45 -2.48
N SER A 73 1.47 -1.55 -2.59
CA SER A 73 1.82 -2.38 -1.43
C SER A 73 3.34 -2.37 -1.25
N PHE A 74 3.80 -1.91 -0.10
CA PHE A 74 5.24 -1.89 0.18
C PHE A 74 5.62 -3.18 0.89
N SER A 75 6.64 -3.89 0.41
CA SER A 75 7.14 -5.04 1.15
C SER A 75 7.95 -4.61 2.38
N VAL A 76 7.63 -5.20 3.52
CA VAL A 76 8.41 -5.00 4.73
C VAL A 76 9.40 -6.13 4.97
N ASP A 77 9.58 -7.00 3.98
CA ASP A 77 10.60 -8.03 4.06
C ASP A 77 11.41 -8.08 2.76
N PRO A 78 12.07 -6.96 2.43
CA PRO A 78 12.75 -6.90 1.12
C PRO A 78 13.93 -7.86 1.00
N ASP A 79 14.46 -8.37 2.11
CA ASP A 79 15.53 -9.37 2.05
C ASP A 79 15.04 -10.66 1.39
N LEU A 80 13.74 -10.94 1.52
CA LEU A 80 13.17 -12.13 0.90
C LEU A 80 12.29 -11.80 -0.30
N ASP A 81 11.59 -10.68 -0.26
CA ASP A 81 10.66 -10.32 -1.32
C ASP A 81 11.38 -9.58 -2.43
N LYS A 82 11.70 -10.30 -3.51
CA LYS A 82 12.20 -9.65 -4.72
C LYS A 82 11.03 -9.50 -5.68
N PRO A 83 11.25 -8.82 -6.82
CA PRO A 83 10.11 -8.63 -7.72
C PRO A 83 9.37 -9.93 -8.09
N GLU A 84 10.09 -11.01 -8.39
CA GLU A 84 9.41 -12.23 -8.79
C GLU A 84 8.50 -12.77 -7.67
N ASN A 85 8.93 -12.63 -6.43
CA ASN A 85 8.12 -13.03 -5.28
C ASN A 85 6.83 -12.23 -5.25
N LEU A 86 6.92 -10.92 -5.46
CA LEU A 86 5.75 -10.07 -5.41
C LEU A 86 4.78 -10.33 -6.56
N LYS A 87 5.34 -10.60 -7.73
CA LYS A 87 4.52 -10.89 -8.90
C LYS A 87 3.74 -12.19 -8.70
N ALA A 88 4.40 -13.21 -8.19
CA ALA A 88 3.74 -14.49 -7.94
C ALA A 88 2.69 -14.36 -6.84
N PHE A 89 3.00 -13.55 -5.83
CA PHE A 89 2.08 -13.31 -4.73
C PHE A 89 0.78 -12.65 -5.21
N ILE A 90 0.90 -11.56 -5.95
CA ILE A 90 -0.29 -10.79 -6.31
C ILE A 90 -1.23 -11.53 -7.28
N GLN A 91 -0.66 -12.43 -8.07
CA GLN A 91 -1.46 -13.14 -9.06
CA GLN A 91 -1.42 -13.20 -9.06
C GLN A 91 -2.58 -13.98 -8.44
N LYS A 92 -2.45 -14.34 -7.17
CA LYS A 92 -3.49 -15.12 -6.52
C LYS A 92 -4.76 -14.29 -6.30
N PHE A 93 -4.57 -13.00 -6.05
CA PHE A 93 -5.62 -12.15 -5.52
C PHE A 93 -6.38 -11.32 -6.53
N THR A 94 -5.75 -11.03 -7.66
CA THR A 94 -6.35 -10.17 -8.66
C THR A 94 -5.80 -10.49 -10.04
N GLU A 95 -6.62 -10.25 -11.06
CA GLU A 95 -6.18 -10.36 -12.44
C GLU A 95 -5.87 -8.99 -13.04
N ASP A 96 -5.94 -7.96 -12.20
CA ASP A 96 -5.69 -6.59 -12.65
C ASP A 96 -4.55 -5.97 -11.86
N THR A 97 -3.41 -5.78 -12.49
CA THR A 97 -2.33 -5.03 -11.86
C THR A 97 -1.95 -3.77 -12.66
N SER A 98 -2.83 -3.37 -13.57
CA SER A 98 -2.60 -2.15 -14.32
C SER A 98 -2.46 -0.94 -13.38
N ASN A 99 -3.16 -0.99 -12.25
CA ASN A 99 -3.11 0.08 -11.26
C ASN A 99 -2.69 -0.42 -9.88
N TRP A 100 -1.93 -1.50 -9.82
CA TRP A 100 -1.47 -2.01 -8.52
C TRP A 100 -0.01 -2.38 -8.63
N ASN A 101 0.83 -1.66 -7.88
CA ASN A 101 2.26 -1.92 -7.85
C ASN A 101 2.70 -2.35 -6.47
N LEU A 102 3.43 -3.46 -6.41
CA LEU A 102 3.98 -3.97 -5.16
C LEU A 102 5.47 -3.67 -5.22
N LEU A 103 6.01 -3.08 -4.16
CA LEU A 103 7.32 -2.46 -4.20
C LEU A 103 8.33 -3.12 -3.26
N THR A 104 9.59 -3.07 -3.68
CA THR A 104 10.69 -3.66 -2.93
C THR A 104 11.99 -3.07 -3.47
N GLY A 105 13.11 -3.71 -3.17
CA GLY A 105 14.39 -3.35 -3.75
C GLY A 105 15.31 -2.55 -2.84
N TYR A 106 14.77 -2.14 -1.70
CA TYR A 106 15.45 -1.32 -0.71
C TYR A 106 15.87 -2.22 0.45
N SER A 107 16.62 -1.68 1.40
CA SER A 107 17.01 -2.47 2.58
C SER A 107 15.90 -2.52 3.63
N LEU A 108 16.03 -3.46 4.55
CA LEU A 108 15.09 -3.52 5.67
C LEU A 108 15.19 -2.23 6.50
N GLU A 109 16.40 -1.75 6.73
CA GLU A 109 16.59 -0.50 7.45
C GLU A 109 15.85 0.66 6.76
N ASP A 110 15.97 0.73 5.43
CA ASP A 110 15.30 1.75 4.62
C ASP A 110 13.79 1.76 4.85
N ILE A 111 13.16 0.60 4.73
CA ILE A 111 11.71 0.55 4.79
C ILE A 111 11.24 0.76 6.23
N THR A 112 12.07 0.37 7.19
CA THR A 112 11.76 0.65 8.60
C THR A 112 11.67 2.16 8.83
N LYS A 113 12.64 2.90 8.31
CA LYS A 113 12.64 4.35 8.47
C LYS A 113 11.49 4.97 7.69
N PHE A 114 11.24 4.47 6.48
CA PHE A 114 10.21 5.00 5.62
C PHE A 114 8.83 4.84 6.27
N SER A 115 8.57 3.66 6.81
CA SER A 115 7.29 3.40 7.48
C SER A 115 7.13 4.28 8.74
N LYS A 116 8.21 4.43 9.50
CA LYS A 116 8.19 5.26 10.70
C LYS A 116 7.92 6.73 10.37
N ASP A 117 8.64 7.26 9.39
CA ASP A 117 8.65 8.69 9.15
C ASP A 117 7.46 9.18 8.34
N ASN A 118 6.91 8.31 7.50
CA ASN A 118 5.83 8.70 6.61
C ASN A 118 4.46 8.19 7.01
N PHE A 119 4.44 7.01 7.62
CA PHE A 119 3.17 6.38 7.96
C PHE A 119 2.99 6.10 9.45
N GLN A 120 3.92 6.61 10.27
CA GLN A 120 3.84 6.47 11.72
C GLN A 120 3.58 5.02 12.13
N SER A 121 4.27 4.10 11.46
CA SER A 121 4.07 2.68 11.67
CA SER A 121 4.07 2.68 11.70
C SER A 121 5.39 1.97 11.89
N LEU A 122 5.47 1.18 12.96
CA LEU A 122 6.68 0.44 13.29
CA LEU A 122 6.68 0.44 13.29
C LEU A 122 6.84 -0.79 12.39
N VAL A 123 8.05 -1.00 11.91
CA VAL A 123 8.42 -2.21 11.20
C VAL A 123 9.59 -2.83 11.96
N ASP A 124 9.50 -4.13 12.22
CA ASP A 124 10.60 -4.83 12.88
C ASP A 124 10.51 -6.31 12.56
N LYS A 125 11.63 -6.91 12.18
CA LYS A 125 11.67 -8.33 11.84
C LYS A 125 12.27 -9.15 12.97
N PRO A 126 11.44 -9.86 13.73
CA PRO A 126 11.94 -10.71 14.82
C PRO A 126 12.64 -11.97 14.31
N GLU A 127 13.20 -12.73 15.25
CA GLU A 127 13.93 -13.94 14.92
C GLU A 127 13.13 -14.93 14.08
N ASN A 128 11.82 -15.03 14.32
CA ASN A 128 11.02 -16.00 13.60
C ASN A 128 10.66 -15.57 12.17
N GLY A 129 11.09 -14.37 11.79
CA GLY A 129 10.91 -13.90 10.42
C GLY A 129 9.55 -13.31 10.13
N GLN A 130 8.64 -13.34 11.11
CA GLN A 130 7.30 -12.80 10.89
C GLN A 130 7.28 -11.32 11.24
N VAL A 131 7.55 -10.50 10.22
CA VAL A 131 7.75 -9.07 10.37
C VAL A 131 6.55 -8.38 11.00
N ILE A 132 6.83 -7.57 12.01
CA ILE A 132 5.85 -6.66 12.58
C ILE A 132 5.68 -5.44 11.68
N HIS A 133 4.43 -5.09 11.36
CA HIS A 133 4.17 -3.94 10.50
C HIS A 133 2.72 -3.52 10.70
N GLY A 134 2.37 -2.34 10.22
CA GLY A 134 1.01 -1.84 10.36
C GLY A 134 0.05 -2.54 9.42
N THR A 135 -1.22 -2.63 9.83
CA THR A 135 -2.22 -3.32 9.03
C THR A 135 -3.24 -2.36 8.41
N SER A 136 -2.94 -1.08 8.40
CA SER A 136 -3.88 -0.10 7.86
C SER A 136 -3.79 0.04 6.34
N PHE A 137 -4.87 0.56 5.76
CA PHE A 137 -4.82 1.10 4.40
C PHE A 137 -4.77 2.63 4.53
N TYR A 138 -3.98 3.28 3.71
CA TYR A 138 -3.85 4.74 3.73
C TYR A 138 -4.27 5.35 2.41
N LEU A 139 -5.09 6.38 2.47
CA LEU A 139 -5.53 7.10 1.28
C LEU A 139 -4.69 8.36 1.12
N ILE A 140 -4.04 8.48 -0.03
CA ILE A 140 -3.13 9.58 -0.33
C ILE A 140 -3.72 10.39 -1.49
N ASP A 141 -3.73 11.71 -1.36
CA ASP A 141 -4.35 12.56 -2.38
C ASP A 141 -3.39 12.95 -3.50
N GLN A 142 -3.91 13.71 -4.47
CA GLN A 142 -3.17 14.09 -5.66
C GLN A 142 -1.99 15.00 -5.33
N ASN A 143 -2.07 15.65 -4.17
CA ASN A 143 -1.00 16.53 -3.70
C ASN A 143 0.10 15.75 -3.00
N GLY A 144 -0.09 14.44 -2.87
CA GLY A 144 0.91 13.57 -2.28
C GLY A 144 0.93 13.53 -0.77
N LYS A 145 -0.18 13.88 -0.13
CA LYS A 145 -0.29 13.84 1.33
C LYS A 145 -1.19 12.70 1.77
N VAL A 146 -0.85 12.05 2.87
CA VAL A 146 -1.74 11.04 3.43
C VAL A 146 -2.93 11.75 4.05
N MSE A 147 -4.12 11.33 3.67
CA MSE A 147 -5.32 12.00 4.12
C MSE A 147 -6.19 11.17 5.06
O MSE A 147 -6.83 11.73 5.94
CB MSE A 147 -6.14 12.52 2.92
CG MSE A 147 -5.36 13.53 2.06
SE MSE A 147 -4.70 15.11 3.03
CE MSE A 147 -6.11 16.35 2.54
N LYS A 148 -6.19 9.85 4.89
CA LYS A 148 -7.06 8.99 5.71
C LYS A 148 -6.38 7.65 5.97
N LYS A 149 -6.74 7.05 7.10
CA LYS A 149 -6.28 5.73 7.51
C LYS A 149 -7.50 4.87 7.85
N TYR A 150 -7.49 3.60 7.43
CA TYR A 150 -8.59 2.68 7.65
C TYR A 150 -8.03 1.32 8.00
N SER A 151 -8.80 0.45 8.64
CA SER A 151 -8.30 -0.90 8.88
C SER A 151 -8.29 -1.72 7.58
N GLY A 152 -7.16 -2.38 7.32
CA GLY A 152 -7.07 -3.27 6.18
C GLY A 152 -7.38 -4.71 6.52
N ILE A 153 -7.70 -4.99 7.78
CA ILE A 153 -7.84 -6.38 8.21
C ILE A 153 -9.12 -6.65 9.01
N SER A 154 -9.61 -5.65 9.72
CA SER A 154 -10.79 -5.83 10.56
C SER A 154 -11.89 -4.86 10.16
N ASN A 155 -12.97 -5.41 9.60
CA ASN A 155 -14.09 -4.58 9.18
C ASN A 155 -13.67 -3.41 8.28
N THR A 156 -12.88 -3.71 7.27
CA THR A 156 -12.47 -2.68 6.31
C THR A 156 -13.71 -1.91 5.83
N PRO A 157 -13.71 -0.57 6.00
CA PRO A 157 -14.92 0.20 5.71
C PRO A 157 -14.99 0.62 4.24
N TYR A 158 -15.34 -0.34 3.38
CA TYR A 158 -15.25 -0.10 1.94
C TYR A 158 -16.05 1.11 1.49
N GLU A 159 -17.24 1.27 2.04
CA GLU A 159 -18.10 2.38 1.65
C GLU A 159 -17.52 3.73 2.05
N ASP A 160 -16.92 3.81 3.25
CA ASP A 160 -16.21 5.02 3.70
C ASP A 160 -15.08 5.38 2.75
N ILE A 161 -14.28 4.38 2.39
CA ILE A 161 -13.15 4.62 1.49
C ILE A 161 -13.62 5.11 0.13
N ILE A 162 -14.62 4.45 -0.43
CA ILE A 162 -15.20 4.87 -1.70
C ILE A 162 -15.71 6.31 -1.64
N ARG A 163 -16.41 6.64 -0.55
CA ARG A 163 -16.93 8.00 -0.34
C ARG A 163 -15.78 9.01 -0.37
N ASP A 164 -14.72 8.71 0.36
CA ASP A 164 -13.57 9.60 0.43
C ASP A 164 -12.86 9.75 -0.93
N MSE A 165 -12.75 8.65 -1.67
CA MSE A 165 -12.22 8.71 -3.03
C MSE A 165 -13.07 9.62 -3.91
O MSE A 165 -12.53 10.40 -4.71
CB MSE A 165 -12.15 7.33 -3.64
CG MSE A 165 -11.07 6.44 -3.11
SE MSE A 165 -11.35 4.62 -3.70
CE MSE A 165 -9.63 3.92 -3.21
N LYS A 166 -14.38 9.51 -3.79
CA LYS A 166 -15.27 10.35 -4.58
C LYS A 166 -15.07 11.82 -4.26
N ARG A 167 -14.86 12.13 -2.98
CA ARG A 167 -14.60 13.51 -2.59
C ARG A 167 -13.31 14.03 -3.23
N LEU A 168 -12.26 13.21 -3.23
CA LEU A 168 -10.99 13.62 -3.81
C LEU A 168 -11.06 13.81 -5.32
N ALA A 169 -11.99 13.11 -5.96
CA ALA A 169 -12.15 13.19 -7.41
C ALA A 169 -13.01 14.38 -7.84
N GLU A 170 -13.70 15.00 -6.90
CA GLU A 170 -14.55 16.15 -7.20
C GLU A 170 -13.74 17.45 -7.20
#